data_6EE7
#
_entry.id   6EE7
#
_cell.length_a   24.595
_cell.length_b   63.856
_cell.length_c   28.979
_cell.angle_alpha   90.00
_cell.angle_beta   97.21
_cell.angle_gamma   90.00
#
_symmetry.space_group_name_H-M   'P 1 21 1'
#
loop_
_entity.id
_entity.type
_entity.pdbx_description
1 polymer 'Periplasmic tetraheme cytochrome c CctA'
2 non-polymer 'HEME C'
3 non-polymer 'ZINC ION'
4 water water
#
_entity_poly.entity_id   1
_entity_poly.type   'polypeptide(L)'
_entity_poly.pdbx_seq_one_letter_code
;ADQKLSDFHAESGGCESCHKDGTPSADGAFEFAQCQSCHGKLSEMDAVHKPHDGNLVCADCHAVHDMNVGQKPTCESCHD
DGRTSASVLKK
;
_entity_poly.pdbx_strand_id   A
#
loop_
_chem_comp.id
_chem_comp.type
_chem_comp.name
_chem_comp.formula
HEC non-polymer 'HEME C' 'C34 H34 Fe N4 O4'
ZN non-polymer 'ZINC ION' 'Zn 2'
#
# COMPACT_ATOMS: atom_id res chain seq x y z
N ALA A 1 -6.25 -0.43 21.14
CA ALA A 1 -4.82 -0.70 20.82
C ALA A 1 -4.64 -0.59 19.30
N ASP A 2 -3.66 0.22 18.90
CA ASP A 2 -3.36 0.62 17.51
C ASP A 2 -1.88 0.48 17.16
N GLN A 3 -1.56 0.13 15.92
CA GLN A 3 -0.15 0.13 15.49
C GLN A 3 -0.11 0.69 14.07
N LYS A 4 0.85 1.54 13.77
CA LYS A 4 1.03 2.01 12.38
C LYS A 4 1.42 0.81 11.53
N LEU A 5 1.04 0.84 10.26
CA LEU A 5 1.35 -0.29 9.35
C LEU A 5 2.87 -0.44 9.20
N SER A 6 3.62 0.66 9.18
CA SER A 6 5.08 0.58 9.11
C SER A 6 5.67 -0.15 10.34
N ASP A 7 5.18 0.15 11.53
CA ASP A 7 5.68 -0.50 12.75
C ASP A 7 5.28 -1.96 12.83
N PHE A 8 4.10 -2.28 12.32
CA PHE A 8 3.66 -3.66 12.26
C PHE A 8 4.64 -4.49 11.43
N HIS A 9 5.03 -3.97 10.27
CA HIS A 9 5.97 -4.66 9.46
C HIS A 9 7.36 -4.65 10.09
N ALA A 10 7.79 -3.49 10.57
CA ALA A 10 9.16 -3.37 11.10
C ALA A 10 9.39 -4.24 12.35
N GLU A 11 8.33 -4.47 13.13
CA GLU A 11 8.46 -5.31 14.33
C GLU A 11 8.92 -6.73 13.98
N SER A 12 8.58 -7.21 12.79
CA SER A 12 9.00 -8.53 12.34
C SER A 12 10.19 -8.52 11.41
N GLY A 13 10.27 -7.55 10.50
CA GLY A 13 11.25 -7.60 9.44
C GLY A 13 12.29 -6.49 9.52
N GLY A 14 12.13 -5.59 10.49
CA GLY A 14 12.99 -4.42 10.54
C GLY A 14 12.53 -3.34 9.56
N CYS A 15 13.08 -2.16 9.66
CA CYS A 15 12.85 -1.13 8.68
C CYS A 15 13.34 -1.57 7.29
N GLU A 16 14.29 -2.46 7.36
CA GLU A 16 14.92 -3.01 6.18
C GLU A 16 13.98 -3.89 5.34
N SER A 17 12.86 -4.28 5.89
CA SER A 17 11.86 -5.02 5.10
C SER A 17 11.45 -4.18 3.88
N CYS A 18 11.42 -2.87 4.03
CA CYS A 18 11.02 -1.93 2.95
C CYS A 18 12.07 -0.97 2.47
N HIS A 19 13.06 -0.72 3.31
CA HIS A 19 14.07 0.32 3.01
C HIS A 19 15.47 -0.29 2.95
N LYS A 20 16.17 -0.01 1.86
CA LYS A 20 17.53 -0.49 1.71
C LYS A 20 18.37 0.13 2.84
N ASP A 21 18.97 -0.72 3.66
CA ASP A 21 19.73 -0.27 4.84
C ASP A 21 18.91 0.57 5.80
N GLY A 22 17.61 0.37 5.81
CA GLY A 22 16.73 1.12 6.67
C GLY A 22 16.53 2.58 6.32
N THR A 23 17.01 2.98 5.14
CA THR A 23 16.97 4.36 4.69
C THR A 23 16.04 4.48 3.48
N PRO A 24 15.11 5.45 3.49
CA PRO A 24 14.18 5.54 2.35
C PRO A 24 14.86 5.96 1.06
N SER A 25 14.28 5.57 -0.05
CA SER A 25 14.78 5.97 -1.35
C SER A 25 14.03 7.25 -1.74
N ALA A 26 14.59 8.03 -2.65
CA ALA A 26 14.03 9.31 -3.00
C ALA A 26 12.74 9.16 -3.78
N ASP A 27 12.67 8.10 -4.58
CA ASP A 27 11.55 7.97 -5.52
C ASP A 27 10.52 6.92 -5.10
N GLY A 28 10.76 6.25 -3.96
CA GLY A 28 9.89 5.16 -3.54
C GLY A 28 9.98 3.87 -4.32
N ALA A 29 10.88 3.75 -5.30
CA ALA A 29 10.91 2.58 -6.16
C ALA A 29 11.39 1.35 -5.41
N PHE A 30 12.42 1.49 -4.59
CA PHE A 30 12.93 0.34 -3.89
C PHE A 30 11.80 -0.18 -2.99
N GLU A 31 11.06 0.72 -2.37
CA GLU A 31 10.04 0.34 -1.41
C GLU A 31 8.91 -0.42 -2.12
N PHE A 32 8.44 0.12 -3.23
CA PHE A 32 7.43 -0.54 -4.05
C PHE A 32 7.85 -1.94 -4.47
N ALA A 33 9.11 -2.08 -4.89
CA ALA A 33 9.67 -3.38 -5.27
C ALA A 33 9.61 -4.30 -4.09
N GLN A 34 9.86 -3.82 -2.88
CA GLN A 34 9.79 -4.70 -1.70
C GLN A 34 8.34 -5.14 -1.41
N CYS A 35 7.39 -4.23 -1.50
CA CYS A 35 5.99 -4.57 -1.27
C CYS A 35 5.56 -5.64 -2.22
N GLN A 36 5.88 -5.48 -3.48
CA GLN A 36 5.53 -6.48 -4.48
C GLN A 36 6.28 -7.79 -4.32
N SER A 37 7.50 -7.74 -3.82
CA SER A 37 8.26 -8.98 -3.64
C SER A 37 7.55 -9.88 -2.61
N CYS A 38 7.03 -9.33 -1.54
CA CYS A 38 6.26 -10.10 -0.60
C CYS A 38 4.79 -10.32 -0.96
N HIS A 39 4.11 -9.30 -1.39
CA HIS A 39 2.66 -9.34 -1.57
C HIS A 39 2.17 -9.77 -2.95
N GLY A 40 3.03 -9.70 -3.94
CA GLY A 40 2.64 -9.85 -5.33
C GLY A 40 2.46 -8.52 -6.03
N LYS A 41 2.28 -8.57 -7.35
CA LYS A 41 2.02 -7.36 -8.12
C LYS A 41 0.55 -6.94 -8.07
N LEU A 42 0.29 -5.65 -8.28
CA LEU A 42 -1.08 -5.10 -8.35
C LEU A 42 -1.93 -5.91 -9.29
N SER A 43 -1.32 -6.28 -10.42
CA SER A 43 -2.04 -7.05 -11.43
C SER A 43 -2.47 -8.45 -10.99
N GLU A 44 -1.92 -8.92 -9.88
CA GLU A 44 -2.24 -10.25 -9.34
C GLU A 44 -3.26 -10.15 -8.18
N MET A 45 -3.69 -8.94 -7.83
CA MET A 45 -4.55 -8.71 -6.67
C MET A 45 -6.03 -8.54 -7.05
N ASP A 46 -6.85 -8.05 -6.13
CA ASP A 46 -8.28 -8.02 -6.39
C ASP A 46 -8.68 -6.83 -7.30
N ALA A 47 -9.98 -6.67 -7.52
CA ALA A 47 -10.48 -5.68 -8.48
C ALA A 47 -10.26 -4.24 -8.08
N VAL A 48 -10.03 -3.96 -6.78
CA VAL A 48 -9.66 -2.61 -6.39
C VAL A 48 -8.22 -2.33 -6.84
N HIS A 49 -7.39 -3.36 -6.79
CA HIS A 49 -5.93 -3.23 -7.00
C HIS A 49 -5.55 -3.26 -8.46
N LYS A 50 -6.14 -4.20 -9.20
CA LYS A 50 -5.72 -4.48 -10.56
C LYS A 50 -5.64 -3.26 -11.46
N PRO A 51 -6.65 -2.36 -11.43
CA PRO A 51 -6.65 -1.28 -12.41
C PRO A 51 -5.57 -0.24 -12.17
N HIS A 52 -4.90 -0.32 -11.02
CA HIS A 52 -3.89 0.68 -10.71
C HIS A 52 -2.49 0.23 -11.13
N ASP A 53 -2.37 -0.99 -11.65
CA ASP A 53 -1.10 -1.48 -12.14
C ASP A 53 -0.64 -0.63 -13.34
N GLY A 54 0.54 -0.03 -13.20
CA GLY A 54 1.05 0.88 -14.20
C GLY A 54 0.78 2.34 -13.92
N ASN A 55 -0.04 2.67 -12.90
CA ASN A 55 -0.26 4.09 -12.60
C ASN A 55 0.07 4.49 -11.15
N LEU A 56 0.07 3.53 -10.24
CA LEU A 56 0.33 3.85 -8.82
C LEU A 56 1.34 2.91 -8.23
N VAL A 57 1.95 3.35 -7.12
CA VAL A 57 2.62 2.43 -6.21
C VAL A 57 1.73 2.19 -5.00
N CYS A 58 2.01 1.16 -4.26
CA CYS A 58 1.19 0.82 -3.10
C CYS A 58 1.03 1.96 -2.14
N ALA A 59 2.10 2.67 -1.93
CA ALA A 59 2.12 3.76 -0.95
C ALA A 59 1.25 4.96 -1.34
N ASP A 60 0.81 5.03 -2.58
CA ASP A 60 -0.11 6.10 -3.00
C ASP A 60 -1.49 5.94 -2.33
N CYS A 61 -1.82 4.76 -1.92
CA CYS A 61 -3.04 4.44 -1.15
C CYS A 61 -2.78 4.05 0.29
N HIS A 62 -1.85 3.13 0.48
CA HIS A 62 -1.43 2.71 1.84
C HIS A 62 -0.28 3.55 2.39
N ALA A 63 -0.64 4.57 3.13
CA ALA A 63 0.35 5.48 3.68
C ALA A 63 0.84 4.83 4.96
N VAL A 64 1.90 4.02 4.84
CA VAL A 64 2.22 3.05 5.91
C VAL A 64 2.69 3.71 7.19
N HIS A 65 3.22 4.91 7.11
CA HIS A 65 3.66 5.62 8.31
C HIS A 65 2.57 6.46 8.95
N ASP A 66 1.46 6.62 8.27
CA ASP A 66 0.37 7.45 8.76
C ASP A 66 -0.96 6.67 8.99
N MET A 67 -1.06 5.43 8.55
CA MET A 67 -2.22 4.62 8.73
C MET A 67 -1.95 3.45 9.68
N ASN A 68 -2.96 3.10 10.45
CA ASN A 68 -2.85 1.96 11.35
C ASN A 68 -3.25 0.66 10.65
N VAL A 69 -2.75 -0.46 11.17
CA VAL A 69 -3.23 -1.76 10.73
C VAL A 69 -4.75 -1.77 10.87
N GLY A 70 -5.42 -2.30 9.86
CA GLY A 70 -6.88 -2.31 9.83
C GLY A 70 -7.56 -1.20 9.04
N GLN A 71 -6.93 -0.06 8.91
CA GLN A 71 -7.51 1.03 8.18
C GLN A 71 -7.46 0.80 6.68
N LYS A 72 -8.59 1.05 6.03
CA LYS A 72 -8.73 0.84 4.60
C LYS A 72 -8.63 2.17 3.86
N PRO A 73 -7.80 2.23 2.81
CA PRO A 73 -7.72 3.48 2.04
C PRO A 73 -9.08 3.77 1.38
N THR A 74 -9.36 5.06 1.16
CA THR A 74 -10.56 5.41 0.36
C THR A 74 -10.12 6.11 -0.95
N CYS A 75 -11.06 6.59 -1.73
CA CYS A 75 -10.85 6.81 -3.15
C CYS A 75 -10.88 8.27 -3.61
N GLU A 76 -11.29 9.14 -2.71
CA GLU A 76 -11.64 10.51 -3.07
C GLU A 76 -10.49 11.43 -3.44
N SER A 77 -9.27 11.07 -3.09
CA SER A 77 -8.18 11.97 -3.43
C SER A 77 -7.88 11.94 -4.92
N CYS A 78 -8.35 10.93 -5.62
CA CYS A 78 -8.06 10.78 -7.05
C CYS A 78 -9.26 10.55 -7.94
N HIS A 79 -10.39 10.18 -7.33
CA HIS A 79 -11.64 9.95 -8.04
C HIS A 79 -12.72 10.88 -7.46
N ASP A 80 -13.40 11.64 -8.31
CA ASP A 80 -14.41 12.57 -7.81
C ASP A 80 -15.84 12.05 -7.96
N ASP A 81 -16.01 10.76 -8.25
CA ASP A 81 -17.34 10.20 -8.55
C ASP A 81 -18.01 9.46 -7.38
N GLY A 82 -17.40 9.50 -6.21
CA GLY A 82 -18.03 8.92 -5.04
C GLY A 82 -17.89 7.41 -4.94
N ARG A 83 -16.98 6.83 -5.73
CA ARG A 83 -16.82 5.38 -5.72
C ARG A 83 -16.29 4.88 -4.38
N THR A 84 -16.61 3.62 -4.11
CA THR A 84 -16.17 2.91 -2.91
C THR A 84 -15.51 1.59 -3.29
N SER A 85 -14.73 1.05 -2.35
CA SER A 85 -14.20 -0.30 -2.50
C SER A 85 -15.31 -1.29 -2.72
N ALA A 86 -16.35 -1.19 -1.90
CA ALA A 86 -17.44 -2.15 -2.01
C ALA A 86 -18.12 -2.13 -3.37
N SER A 87 -18.21 -0.96 -4.00
CA SER A 87 -18.90 -0.88 -5.28
C SER A 87 -18.15 -1.67 -6.36
N VAL A 88 -16.88 -1.99 -6.10
CA VAL A 88 -16.05 -2.77 -7.03
C VAL A 88 -16.02 -4.27 -6.66
N LEU A 89 -16.10 -4.57 -5.36
CA LEU A 89 -15.94 -5.94 -4.80
C LEU A 89 -17.24 -6.64 -4.36
N LYS A 90 -18.36 -5.96 -4.28
CA LYS A 90 -19.60 -6.63 -3.84
C LYS A 90 -20.47 -6.75 -5.06
N LYS A 91 -21.09 -7.92 -5.21
CA LYS A 91 -22.00 -8.19 -6.37
C LYS A 91 -23.43 -8.34 -5.85
FE HEC B . 9.51 4.01 6.03
CHA HEC B . 9.02 6.80 4.13
CHB HEC B . 11.80 5.65 7.87
CHC HEC B . 9.70 1.34 8.16
CHD HEC B . 7.66 2.14 3.87
NA HEC B . 10.25 5.88 6.02
C1A HEC B . 9.93 6.92 5.15
C2A HEC B . 10.70 8.05 5.48
C3A HEC B . 11.48 7.72 6.53
C4A HEC B . 11.22 6.36 6.87
CMA HEC B . 12.51 8.56 7.24
CAA HEC B . 10.66 9.38 4.78
CBA HEC B . 9.74 10.34 5.52
CGA HEC B . 8.35 10.10 5.19
O1A HEC B . 7.89 10.32 4.09
O2A HEC B . 7.64 9.64 6.05
NB HEC B . 10.57 3.56 7.79
C1B HEC B . 11.43 4.38 8.31
C2B HEC B . 11.93 3.77 9.49
C3B HEC B . 11.36 2.57 9.57
C4B HEC B . 10.46 2.48 8.44
CMB HEC B . 12.98 4.36 10.41
CAB HEC B . 11.49 1.52 10.59
CBB HEC B . 11.23 1.86 11.88
NC HEC B . 8.84 2.08 6.06
C1C HEC B . 9.01 1.11 7.00
C2C HEC B . 8.45 -0.11 6.58
C3C HEC B . 7.86 0.11 5.33
C4C HEC B . 8.08 1.51 5.01
CMC HEC B . 8.52 -1.42 7.30
CAC HEC B . 7.11 -0.90 4.51
CBC HEC B . 6.04 -1.52 5.03
ND HEC B . 8.52 4.40 4.35
C1D HEC B . 7.85 3.51 3.63
C2D HEC B . 7.32 4.10 2.42
C3D HEC B . 7.68 5.42 2.50
C4D HEC B . 8.48 5.58 3.75
CMD HEC B . 6.53 3.37 1.37
CAD HEC B . 7.40 6.53 1.50
CBD HEC B . 5.94 6.87 1.38
CGD HEC B . 5.41 7.31 2.68
O1D HEC B . 4.37 6.77 3.10
O2D HEC B . 5.96 8.17 3.32
FE HEC C . 2.89 -5.93 3.89
CHA HEC C . 0.40 -7.07 5.79
CHB HEC C . 0.88 -3.35 2.78
CHC HEC C . 5.57 -4.41 2.39
CHD HEC C . 4.77 -8.62 4.56
NA HEC C . 0.95 -5.30 4.17
C1A HEC C . 0.10 -5.93 5.08
C2A HEC C . -1.15 -5.24 5.01
C3A HEC C . -0.99 -4.21 4.18
C4A HEC C . 0.31 -4.24 3.68
CMA HEC C . -2.05 -3.18 3.78
CAA HEC C . -2.40 -5.58 5.74
CBA HEC C . -2.30 -5.74 7.22
CGA HEC C . -3.64 -6.06 7.86
O1A HEC C . -3.87 -7.17 8.36
O2A HEC C . -4.42 -5.15 7.82
NB HEC C . 3.19 -4.16 2.78
C1B HEC C . 2.25 -3.28 2.45
C2B HEC C . 2.83 -2.22 1.74
C3B HEC C . 4.13 -2.49 1.64
C4B HEC C . 4.36 -3.79 2.30
CMB HEC C . 2.12 -1.02 1.21
CAB HEC C . 5.23 -1.72 1.09
CBB HEC C . 5.33 -0.37 1.28
NC HEC C . 4.86 -6.44 3.50
C1C HEC C . 5.82 -5.68 2.86
C2C HEC C . 6.99 -6.45 2.76
C3C HEC C . 6.76 -7.64 3.36
C4C HEC C . 5.42 -7.64 3.83
CMC HEC C . 8.27 -5.98 2.10
CAC HEC C . 7.66 -8.78 3.48
CBC HEC C . 8.89 -8.72 3.91
ND HEC C . 2.65 -7.54 4.96
C1D HEC C . 3.53 -8.53 5.15
C2D HEC C . 2.96 -9.54 6.01
C3D HEC C . 1.75 -9.13 6.36
C4D HEC C . 1.57 -7.83 5.69
CMD HEC C . 3.63 -10.85 6.42
CAD HEC C . 0.77 -9.88 7.25
CBD HEC C . -0.37 -10.46 6.37
CGD HEC C . -1.67 -10.51 7.13
O1D HEC C . -2.16 -11.59 7.36
O2D HEC C . -2.17 -9.50 7.52
FE HEC D . -4.08 -2.38 -1.03
CHA HEC D . -6.36 -3.92 0.92
CHB HEC D . -1.67 -4.59 0.07
CHC HEC D . -1.93 -1.23 -3.45
CHD HEC D . -6.26 0.09 -1.75
NA HEC D . -4.01 -3.98 0.26
C1A HEC D . -5.09 -4.45 0.95
C2A HEC D . -4.66 -5.60 1.64
C3A HEC D . -3.33 -5.75 1.42
C4A HEC D . -2.94 -4.76 0.56
CMA HEC D . -2.41 -6.84 1.94
CAA HEC D . -5.49 -6.49 2.54
CBA HEC D . -6.21 -7.59 1.75
CGA HEC D . -7.09 -8.37 2.70
O1A HEC D . -6.72 -8.60 3.85
O2A HEC D . -8.18 -8.74 2.30
NB HEC D . -2.13 -2.85 -1.61
C1B HEC D . -1.32 -3.78 -1.04
C2B HEC D . -0.11 -3.77 -1.77
C3B HEC D . -0.17 -2.87 -2.73
C4B HEC D . -1.49 -2.25 -2.64
CMB HEC D . 1.05 -4.62 -1.40
CAB HEC D . 0.78 -2.54 -3.78
CBB HEC D . 1.23 -3.60 -4.49
NC HEC D . -4.06 -0.80 -2.40
C1C HEC D . -3.12 -0.52 -3.30
C2C HEC D . -3.49 0.63 -3.96
C3C HEC D . -4.75 0.99 -3.49
C4C HEC D . -5.10 0.08 -2.52
CMC HEC D . -2.68 1.31 -5.03
CAC HEC D . -5.60 2.14 -3.85
CBC HEC D . -5.91 2.38 -5.10
ND HEC D . -5.93 -1.95 -0.54
C1D HEC D . -6.67 -0.90 -0.90
C2D HEC D . -8.02 -1.01 -0.26
C3D HEC D . -8.04 -2.12 0.44
C4D HEC D . -6.71 -2.72 0.29
CMD HEC D . -9.13 -0.02 -0.46
CAD HEC D . -9.21 -2.69 1.24
CBD HEC D . -10.25 -3.29 0.24
CGD HEC D . -9.71 -4.47 -0.52
O1D HEC D . -9.33 -5.43 0.09
O2D HEC D . -9.73 -4.49 -1.74
FE HEC E . -8.39 4.38 -8.74
CHA HEC E . -8.44 3.91 -12.04
CHB HEC E . -10.94 2.10 -8.40
CHC HEC E . -8.46 4.91 -5.37
CHD HEC E . -5.75 6.48 -8.99
NA HEC E . -9.51 3.17 -9.98
C1A HEC E . -9.30 3.13 -11.33
C2A HEC E . -10.22 2.18 -11.88
C3A HEC E . -10.89 1.68 -10.82
C4A HEC E . -10.43 2.29 -9.63
CMA HEC E . -11.96 0.65 -10.85
CAA HEC E . -10.41 1.79 -13.35
CBA HEC E . -11.72 2.51 -13.82
CGA HEC E . -11.60 4.00 -13.99
O1A HEC E . -11.74 4.77 -13.05
O2A HEC E . -11.35 4.39 -15.07
NB HEC E . -9.54 3.64 -7.15
C1B HEC E . -10.51 2.76 -7.26
C2B HEC E . -11.05 2.55 -5.98
C3B HEC E . -10.36 3.31 -5.10
C4B HEC E . -9.37 4.03 -5.88
CMB HEC E . -12.17 1.62 -5.64
CAB HEC E . -10.51 3.45 -3.63
CBB HEC E . -10.57 2.34 -2.86
NC HEC E . -7.29 5.54 -7.38
C1C HEC E . -7.50 5.59 -6.07
C2C HEC E . -6.58 6.49 -5.56
C3C HEC E . -5.82 6.93 -6.59
C4C HEC E . -6.28 6.32 -7.76
CMC HEC E . -6.53 6.90 -4.10
CAC HEC E . -4.73 7.92 -6.55
CBC HEC E . -3.80 7.99 -5.60
ND HEC E . -7.30 5.06 -10.22
C1D HEC E . -6.26 5.91 -10.13
C2D HEC E . -5.74 6.16 -11.45
C3D HEC E . -6.49 5.46 -12.29
C4D HEC E . -7.49 4.74 -11.50
CMD HEC E . -4.57 7.04 -11.78
CAD HEC E . -6.34 5.43 -13.81
CBD HEC E . -6.95 6.73 -14.38
CGD HEC E . -8.40 7.00 -14.07
O1D HEC E . -9.22 6.50 -14.81
O2D HEC E . -8.73 7.64 -13.11
ZN ZN F . -3.70 -9.54 8.48
ZN ZN G . -11.27 6.37 -14.60
ZN ZN H . -14.44 12.48 -12.40
#